data_3FKF
#
_entry.id   3FKF
#
_cell.length_a   123.670
_cell.length_b   125.947
_cell.length_c   56.951
_cell.angle_alpha   90.00
_cell.angle_beta   90.00
_cell.angle_gamma   90.00
#
_symmetry.space_group_name_H-M   'P 21 21 2'
#
loop_
_entity.id
_entity.type
_entity.pdbx_description
1 polymer 'thiol-disulfide oxidoreductase'
2 non-polymer 'ACETATE ION'
3 water water
#
_entity_poly.entity_id   1
_entity_poly.type   'polypeptide(L)'
_entity_poly.pdbx_seq_one_letter_code
;SNAKVTVGKSAPYFSLPNEKGEKLSRSAERFRNRYLLLNFWASWCDPQPEANAELKRLNKEYKKNKNFA(MSE)LGISLD
IDREAWETAIKKDTLSWDQVCDFTGLSSETAKQYAILTLPTNILLSPTGKILARDIQGEALTGKLKELLKTE
;
_entity_poly.pdbx_strand_id   A,B,C,D
#
loop_
_chem_comp.id
_chem_comp.type
_chem_comp.name
_chem_comp.formula
ACT non-polymer 'ACETATE ION' 'C2 H3 O2 -1'
#
# COMPACT_ATOMS: atom_id res chain seq x y z
N VAL A 5 -28.48 -5.30 -12.90
CA VAL A 5 -27.36 -6.31 -13.08
C VAL A 5 -27.51 -7.71 -12.38
N THR A 6 -28.77 -8.06 -12.09
CA THR A 6 -29.17 -9.43 -11.73
C THR A 6 -28.90 -10.37 -12.91
N VAL A 7 -28.88 -11.68 -12.67
CA VAL A 7 -28.70 -12.69 -13.73
C VAL A 7 -29.67 -12.44 -14.92
N GLY A 8 -29.16 -12.42 -16.16
CA GLY A 8 -30.02 -12.16 -17.31
C GLY A 8 -30.14 -10.69 -17.69
N LYS A 9 -29.55 -9.79 -16.90
CA LYS A 9 -29.32 -8.41 -17.37
C LYS A 9 -28.00 -8.27 -18.15
N SER A 10 -27.90 -7.15 -18.86
CA SER A 10 -26.71 -6.70 -19.57
C SER A 10 -25.57 -6.32 -18.62
N ALA A 11 -24.38 -6.77 -18.92
CA ALA A 11 -23.17 -6.35 -18.16
C ALA A 11 -22.87 -4.88 -18.49
N PRO A 12 -22.73 -4.03 -17.46
CA PRO A 12 -22.39 -2.63 -17.67
C PRO A 12 -21.08 -2.49 -18.44
N TYR A 13 -20.99 -1.45 -19.29
CA TYR A 13 -19.76 -1.10 -19.98
C TYR A 13 -18.55 -0.90 -18.98
N PHE A 14 -17.35 -1.33 -19.34
CA PHE A 14 -16.21 -0.88 -18.54
C PHE A 14 -15.08 -0.65 -19.46
N SER A 15 -14.15 0.21 -19.05
CA SER A 15 -12.95 0.39 -19.83
C SER A 15 -11.81 0.64 -18.85
N LEU A 16 -10.95 -0.36 -18.67
CA LEU A 16 -10.02 -0.39 -17.56
C LEU A 16 -8.64 -0.74 -18.04
N PRO A 17 -7.62 -0.04 -17.53
CA PRO A 17 -6.26 -0.33 -17.99
C PRO A 17 -5.66 -1.60 -17.42
N ASN A 18 -4.96 -2.35 -18.29
CA ASN A 18 -4.22 -3.52 -17.92
C ASN A 18 -2.80 -3.18 -17.42
N GLU A 19 -1.95 -4.19 -17.31
CA GLU A 19 -0.63 -4.00 -16.73
C GLU A 19 0.29 -3.15 -17.57
N LYS A 20 0.00 -3.06 -18.86
CA LYS A 20 0.76 -2.19 -19.76
C LYS A 20 0.01 -0.92 -20.05
N GLY A 21 -1.08 -0.64 -19.34
CA GLY A 21 -1.69 0.65 -19.52
C GLY A 21 -2.71 0.68 -20.63
N GLU A 22 -2.91 -0.44 -21.36
CA GLU A 22 -3.94 -0.47 -22.39
C GLU A 22 -5.34 -0.67 -21.79
N LYS A 23 -6.25 0.22 -22.15
CA LYS A 23 -7.64 0.15 -21.76
C LYS A 23 -8.39 -1.02 -22.41
N LEU A 24 -9.01 -1.86 -21.58
CA LEU A 24 -9.72 -3.03 -22.05
C LEU A 24 -11.18 -2.89 -21.74
N SER A 25 -11.98 -3.36 -22.67
CA SER A 25 -13.38 -3.31 -22.47
C SER A 25 -13.96 -4.66 -22.95
N ARG A 26 -15.24 -4.93 -22.68
CA ARG A 26 -15.80 -6.25 -23.15
C ARG A 26 -15.74 -6.40 -24.67
N SER A 27 -15.81 -5.28 -25.38
CA SER A 27 -15.69 -5.26 -26.83
C SER A 27 -14.26 -5.43 -27.37
N ALA A 28 -13.26 -5.68 -26.53
CA ALA A 28 -11.92 -5.84 -27.08
C ALA A 28 -11.84 -7.19 -27.80
N GLU A 29 -10.94 -7.30 -28.78
CA GLU A 29 -10.84 -8.51 -29.61
C GLU A 29 -10.66 -9.76 -28.74
N ARG A 30 -9.89 -9.60 -27.66
CA ARG A 30 -9.60 -10.72 -26.80
C ARG A 30 -10.83 -11.25 -26.04
N PHE A 31 -11.89 -10.45 -25.91
CA PHE A 31 -13.09 -10.83 -25.13
C PHE A 31 -14.40 -11.05 -25.91
N ARG A 32 -14.55 -10.41 -27.08
CA ARG A 32 -15.80 -10.42 -27.89
C ARG A 32 -16.18 -11.85 -28.25
N ASN A 33 -17.46 -12.20 -28.15
CA ASN A 33 -18.01 -13.51 -28.57
C ASN A 33 -17.52 -14.67 -27.74
N ARG A 34 -17.16 -14.37 -26.48
CA ARG A 34 -16.65 -15.38 -25.60
C ARG A 34 -17.40 -15.38 -24.33
N TYR A 35 -17.52 -16.55 -23.70
CA TYR A 35 -17.90 -16.56 -22.29
C TYR A 35 -16.75 -15.87 -21.50
N LEU A 36 -17.10 -14.91 -20.67
CA LEU A 36 -16.06 -14.08 -20.00
C LEU A 36 -16.27 -14.26 -18.48
N LEU A 37 -15.32 -14.91 -17.80
CA LEU A 37 -15.35 -14.94 -16.35
C LEU A 37 -14.61 -13.71 -15.72
N LEU A 38 -15.34 -12.82 -15.05
CA LEU A 38 -14.68 -11.69 -14.37
C LEU A 38 -14.41 -12.13 -12.96
N ASN A 39 -13.15 -11.98 -12.48
CA ASN A 39 -12.94 -12.12 -11.03
C ASN A 39 -12.48 -10.83 -10.38
N PHE A 40 -13.26 -10.39 -9.39
CA PHE A 40 -12.96 -9.17 -8.65
C PHE A 40 -12.14 -9.61 -7.42
N TRP A 41 -11.05 -8.90 -7.13
CA TRP A 41 -10.11 -9.29 -6.09
C TRP A 41 -9.37 -8.02 -5.67
N ALA A 42 -8.50 -8.12 -4.68
CA ALA A 42 -7.55 -7.05 -4.40
C ALA A 42 -6.34 -7.68 -3.71
N SER A 43 -5.15 -7.12 -3.96
CA SER A 43 -3.93 -7.66 -3.31
C SER A 43 -4.08 -7.46 -1.80
N TRP A 44 -4.83 -6.45 -1.40
CA TRP A 44 -4.94 -6.19 0.03
C TRP A 44 -5.87 -7.17 0.74
N CYS A 45 -6.48 -8.05 -0.04
CA CYS A 45 -7.33 -9.06 0.49
C CYS A 45 -6.65 -10.43 0.53
N ASP A 46 -5.36 -10.54 0.18
CA ASP A 46 -4.71 -11.86 0.09
C ASP A 46 -4.12 -12.29 1.45
N PRO A 47 -3.92 -13.62 1.65
CA PRO A 47 -4.08 -14.69 0.64
C PRO A 47 -5.53 -15.16 0.32
N GLN A 48 -5.72 -15.73 -0.86
CA GLN A 48 -6.98 -16.42 -1.22
C GLN A 48 -6.63 -17.73 -1.95
N PRO A 49 -6.00 -18.69 -1.21
CA PRO A 49 -5.51 -19.89 -1.91
C PRO A 49 -6.62 -20.70 -2.62
N GLU A 50 -7.79 -20.76 -2.04
CA GLU A 50 -8.88 -21.60 -2.55
C GLU A 50 -9.40 -20.99 -3.85
N ALA A 51 -9.69 -19.68 -3.80
CA ALA A 51 -10.12 -18.90 -4.92
C ALA A 51 -9.09 -18.93 -6.05
N ASN A 52 -7.82 -18.71 -5.76
CA ASN A 52 -6.81 -18.64 -6.83
C ASN A 52 -6.60 -20.00 -7.45
N ALA A 53 -6.51 -21.06 -6.62
CA ALA A 53 -6.33 -22.44 -7.12
C ALA A 53 -7.44 -22.79 -8.10
N GLU A 54 -8.66 -22.46 -7.73
CA GLU A 54 -9.82 -22.63 -8.59
C GLU A 54 -9.69 -21.91 -9.96
N LEU A 55 -9.41 -20.61 -9.93
CA LEU A 55 -9.16 -19.82 -11.14
C LEU A 55 -7.95 -20.36 -11.96
N LYS A 56 -6.89 -20.72 -11.26
CA LYS A 56 -5.71 -21.27 -11.94
C LYS A 56 -6.00 -22.60 -12.66
N ARG A 57 -6.82 -23.44 -12.02
CA ARG A 57 -7.31 -24.65 -12.67
C ARG A 57 -8.10 -24.35 -13.95
N LEU A 58 -9.11 -23.49 -13.84
CA LEU A 58 -9.86 -23.12 -15.02
C LEU A 58 -8.97 -22.53 -16.12
N ASN A 59 -8.09 -21.61 -15.74
CA ASN A 59 -7.23 -20.97 -16.73
C ASN A 59 -6.52 -22.04 -17.56
N LYS A 60 -6.02 -23.08 -16.90
CA LYS A 60 -5.25 -24.18 -17.52
C LYS A 60 -6.15 -25.13 -18.31
N GLU A 61 -7.24 -25.58 -17.69
CA GLU A 61 -8.16 -26.46 -18.38
C GLU A 61 -8.64 -25.92 -19.72
N TYR A 62 -8.90 -24.62 -19.80
CA TYR A 62 -9.56 -24.09 -20.98
C TYR A 62 -8.69 -23.17 -21.77
N LYS A 63 -7.38 -23.28 -21.61
CA LYS A 63 -6.44 -22.38 -22.29
C LYS A 63 -6.59 -22.44 -23.82
N LYS A 64 -6.75 -23.65 -24.34
CA LYS A 64 -6.90 -23.87 -25.80
C LYS A 64 -8.26 -23.47 -26.36
N ASN A 65 -9.26 -23.37 -25.49
CA ASN A 65 -10.65 -23.11 -25.86
C ASN A 65 -10.94 -21.63 -26.14
N LYS A 66 -10.99 -21.30 -27.43
CA LYS A 66 -11.23 -19.94 -27.94
C LYS A 66 -12.61 -19.38 -27.53
N ASN A 67 -13.49 -20.19 -26.93
CA ASN A 67 -14.78 -19.62 -26.52
C ASN A 67 -14.84 -19.07 -25.08
N PHE A 68 -13.74 -19.22 -24.35
CA PHE A 68 -13.70 -18.85 -22.93
C PHE A 68 -12.56 -17.85 -22.72
N ALA A 69 -12.87 -16.80 -21.95
CA ALA A 69 -11.84 -15.86 -21.48
C ALA A 69 -12.05 -15.46 -19.98
N MSE A 70 -10.95 -15.00 -19.39
CA MSE A 70 -10.90 -14.61 -17.97
C MSE A 70 -10.36 -13.18 -17.86
O MSE A 70 -9.44 -12.81 -18.60
CB MSE A 70 -10.00 -15.57 -17.25
CG MSE A 70 -10.78 -16.83 -16.87
SE MSE A 70 -9.70 -18.26 -16.10
CE MSE A 70 -9.24 -17.37 -14.30
N LEU A 71 -10.91 -12.41 -16.92
CA LEU A 71 -10.42 -11.08 -16.66
C LEU A 71 -10.40 -10.79 -15.14
N GLY A 72 -9.21 -10.51 -14.61
CA GLY A 72 -9.10 -10.12 -13.18
C GLY A 72 -9.32 -8.64 -13.08
N ILE A 73 -10.21 -8.19 -12.19
CA ILE A 73 -10.42 -6.75 -11.99
C ILE A 73 -10.07 -6.46 -10.53
N SER A 74 -9.01 -5.68 -10.28
CA SER A 74 -8.52 -5.53 -8.94
C SER A 74 -9.08 -4.25 -8.34
N LEU A 75 -9.34 -4.25 -7.02
CA LEU A 75 -9.64 -2.98 -6.29
C LEU A 75 -8.41 -2.44 -5.52
N ASP A 76 -7.22 -2.86 -5.96
CA ASP A 76 -5.96 -2.21 -5.57
C ASP A 76 -5.94 -0.70 -5.80
N ILE A 77 -5.20 0.03 -4.97
CA ILE A 77 -4.99 1.50 -5.25
C ILE A 77 -3.51 1.80 -5.61
N ASP A 78 -2.66 0.80 -5.46
CA ASP A 78 -1.25 0.96 -5.62
C ASP A 78 -0.80 -0.08 -6.63
N ARG A 79 -0.27 0.42 -7.74
CA ARG A 79 0.33 -0.37 -8.83
C ARG A 79 1.34 -1.44 -8.37
N GLU A 80 2.21 -1.03 -7.46
CA GLU A 80 3.27 -1.94 -6.98
C GLU A 80 2.70 -3.13 -6.23
N ALA A 81 1.82 -2.86 -5.26
CA ALA A 81 1.12 -3.93 -4.51
C ALA A 81 0.36 -4.85 -5.50
N TRP A 82 -0.42 -4.27 -6.42
CA TRP A 82 -1.14 -5.09 -7.41
C TRP A 82 -0.21 -6.02 -8.26
N GLU A 83 0.81 -5.45 -8.93
CA GLU A 83 1.83 -6.26 -9.64
C GLU A 83 2.55 -7.32 -8.82
N THR A 84 2.91 -7.00 -7.58
CA THR A 84 3.54 -7.95 -6.71
C THR A 84 2.65 -9.16 -6.51
N ALA A 85 1.36 -8.95 -6.23
CA ALA A 85 0.39 -10.07 -6.12
C ALA A 85 0.16 -10.81 -7.42
N ILE A 86 0.06 -10.10 -8.52
CA ILE A 86 -0.03 -10.77 -9.80
C ILE A 86 1.14 -11.79 -9.97
N LYS A 87 2.37 -11.40 -9.61
CA LYS A 87 3.54 -12.29 -9.77
C LYS A 87 3.64 -13.36 -8.72
N LYS A 88 3.43 -13.02 -7.47
CA LYS A 88 3.53 -13.99 -6.42
C LYS A 88 2.55 -15.12 -6.62
N ASP A 89 1.34 -14.77 -7.03
CA ASP A 89 0.26 -15.73 -7.17
C ASP A 89 0.17 -16.27 -8.60
N THR A 90 1.07 -15.86 -9.50
CA THR A 90 0.99 -16.23 -10.91
C THR A 90 -0.42 -16.04 -11.53
N LEU A 91 -0.94 -14.83 -11.47
CA LEU A 91 -2.26 -14.51 -12.06
C LEU A 91 -2.03 -14.22 -13.55
N SER A 92 -1.82 -15.28 -14.34
CA SER A 92 -1.40 -15.19 -15.77
C SER A 92 -2.43 -14.61 -16.69
N TRP A 93 -3.72 -14.75 -16.37
CA TRP A 93 -4.77 -14.21 -17.27
C TRP A 93 -4.73 -12.67 -17.34
N ASP A 94 -5.54 -12.05 -18.19
CA ASP A 94 -5.62 -10.63 -18.24
C ASP A 94 -6.02 -10.00 -16.90
N GLN A 95 -5.38 -8.88 -16.58
CA GLN A 95 -5.57 -8.16 -15.27
C GLN A 95 -5.72 -6.67 -15.55
N VAL A 96 -6.75 -6.04 -15.01
CA VAL A 96 -6.89 -4.60 -15.16
C VAL A 96 -7.13 -4.03 -13.75
N CYS A 97 -6.88 -2.74 -13.59
CA CYS A 97 -7.11 -2.07 -12.31
C CYS A 97 -7.03 -0.58 -12.59
N ASP A 98 -7.98 0.20 -12.12
CA ASP A 98 -7.82 1.64 -12.34
C ASP A 98 -7.40 2.42 -11.04
N PHE A 99 -7.06 1.68 -9.97
CA PHE A 99 -6.49 2.27 -8.72
C PHE A 99 -7.43 3.21 -8.00
N THR A 100 -8.73 2.91 -8.05
CA THR A 100 -9.72 3.66 -7.30
C THR A 100 -10.06 2.95 -5.98
N GLY A 101 -9.78 1.65 -5.83
CA GLY A 101 -10.00 0.99 -4.55
C GLY A 101 -11.45 0.69 -4.25
N LEU A 102 -11.76 0.62 -2.97
CA LEU A 102 -12.98 0.03 -2.60
C LEU A 102 -14.24 0.87 -2.96
N SER A 103 -14.09 2.10 -3.37
CA SER A 103 -15.27 2.71 -3.92
C SER A 103 -15.38 2.59 -5.48
N SER A 104 -14.46 1.91 -6.17
CA SER A 104 -14.56 1.62 -7.61
C SER A 104 -16.03 1.67 -8.20
N GLU A 105 -16.21 2.51 -9.20
CA GLU A 105 -17.41 2.55 -10.05
C GLU A 105 -17.77 1.20 -10.68
N THR A 106 -16.75 0.49 -11.21
CA THR A 106 -16.98 -0.83 -11.79
C THR A 106 -17.58 -1.77 -10.75
N ALA A 107 -16.98 -1.84 -9.54
CA ALA A 107 -17.49 -2.69 -8.43
C ALA A 107 -18.93 -2.34 -8.10
N LYS A 108 -19.17 -1.06 -7.88
CA LYS A 108 -20.50 -0.64 -7.61
C LYS A 108 -21.47 -1.04 -8.76
N GLN A 109 -21.10 -0.78 -10.02
CA GLN A 109 -22.02 -1.07 -11.11
C GLN A 109 -22.29 -2.55 -11.29
N TYR A 110 -21.30 -3.41 -10.96
CA TYR A 110 -21.52 -4.82 -10.94
C TYR A 110 -22.15 -5.24 -9.64
N ALA A 111 -22.48 -4.29 -8.77
CA ALA A 111 -23.05 -4.64 -7.43
C ALA A 111 -22.18 -5.71 -6.72
N ILE A 112 -20.85 -5.52 -6.69
CA ILE A 112 -19.98 -6.46 -5.95
C ILE A 112 -20.04 -6.03 -4.47
N LEU A 113 -20.32 -6.94 -3.54
CA LEU A 113 -20.43 -6.58 -2.12
C LEU A 113 -19.17 -6.92 -1.35
N THR A 114 -18.46 -7.98 -1.72
CA THR A 114 -17.28 -8.40 -0.97
C THR A 114 -16.33 -8.96 -2.00
N LEU A 115 -15.15 -9.38 -1.53
CA LEU A 115 -14.06 -9.90 -2.34
C LEU A 115 -13.57 -11.22 -1.75
N PRO A 116 -13.15 -12.18 -2.60
CA PRO A 116 -13.16 -12.23 -4.08
C PRO A 116 -14.61 -12.50 -4.60
N THR A 117 -15.00 -12.01 -5.76
CA THR A 117 -16.34 -12.36 -6.30
C THR A 117 -16.16 -12.63 -7.80
N ASN A 118 -16.74 -13.73 -8.30
CA ASN A 118 -16.78 -14.06 -9.72
C ASN A 118 -18.11 -13.71 -10.35
N ILE A 119 -18.09 -13.14 -11.57
CA ILE A 119 -19.30 -12.83 -12.36
C ILE A 119 -19.05 -13.51 -13.72
N LEU A 120 -19.96 -14.39 -14.17
CA LEU A 120 -19.83 -15.07 -15.45
C LEU A 120 -20.73 -14.38 -16.47
N LEU A 121 -20.15 -13.90 -17.55
CA LEU A 121 -20.90 -13.29 -18.67
C LEU A 121 -21.00 -14.23 -19.91
N SER A 122 -22.06 -14.06 -20.69
CA SER A 122 -22.20 -14.83 -21.95
C SER A 122 -21.54 -14.10 -23.10
N PRO A 123 -21.39 -14.80 -24.25
CA PRO A 123 -20.85 -14.10 -25.42
C PRO A 123 -21.62 -12.87 -25.82
N THR A 124 -22.89 -12.74 -25.41
CA THR A 124 -23.65 -11.55 -25.77
C THR A 124 -23.58 -10.51 -24.68
N GLY A 125 -22.75 -10.74 -23.67
CA GLY A 125 -22.60 -9.77 -22.59
C GLY A 125 -23.72 -9.76 -21.57
N LYS A 126 -24.37 -10.91 -21.41
CA LYS A 126 -25.42 -11.03 -20.41
C LYS A 126 -24.92 -11.85 -19.18
N ILE A 127 -25.43 -11.45 -18.02
CA ILE A 127 -24.93 -12.00 -16.77
C ILE A 127 -25.48 -13.36 -16.54
N LEU A 128 -24.65 -14.37 -16.56
CA LEU A 128 -25.13 -15.76 -16.33
C LEU A 128 -25.06 -16.28 -14.91
N ALA A 129 -24.26 -15.67 -14.04
CA ALA A 129 -24.06 -16.21 -12.66
C ALA A 129 -23.24 -15.19 -11.89
N ARG A 130 -23.65 -14.96 -10.65
CA ARG A 130 -23.07 -13.93 -9.82
C ARG A 130 -22.59 -14.70 -8.59
N ASP A 131 -21.38 -14.38 -8.15
CA ASP A 131 -20.79 -15.01 -6.99
C ASP A 131 -20.67 -16.52 -7.11
N ILE A 132 -20.28 -16.99 -8.29
CA ILE A 132 -20.19 -18.37 -8.61
C ILE A 132 -18.78 -18.88 -8.32
N GLN A 133 -18.68 -19.99 -7.58
CA GLN A 133 -17.38 -20.52 -7.18
C GLN A 133 -17.36 -22.05 -7.03
N GLY A 134 -16.17 -22.57 -6.77
CA GLY A 134 -16.01 -23.99 -6.43
C GLY A 134 -16.57 -24.92 -7.49
N GLU A 135 -17.24 -25.96 -7.01
CA GLU A 135 -17.81 -26.98 -7.89
C GLU A 135 -18.88 -26.38 -8.78
N ALA A 136 -19.69 -25.46 -8.25
CA ALA A 136 -20.75 -24.90 -9.04
C ALA A 136 -20.20 -24.16 -10.25
N LEU A 137 -19.00 -23.60 -10.12
CA LEU A 137 -18.39 -22.93 -11.24
C LEU A 137 -17.79 -23.94 -12.22
N THR A 138 -17.02 -24.92 -11.70
CA THR A 138 -16.48 -25.98 -12.55
C THR A 138 -17.63 -26.66 -13.37
N GLY A 139 -18.75 -27.00 -12.73
CA GLY A 139 -19.86 -27.65 -13.44
C GLY A 139 -20.56 -26.76 -14.43
N LYS A 140 -20.77 -25.51 -14.05
CA LYS A 140 -21.43 -24.54 -14.96
C LYS A 140 -20.65 -24.38 -16.27
N LEU A 141 -19.35 -24.19 -16.17
CA LEU A 141 -18.51 -24.06 -17.34
C LEU A 141 -18.39 -25.35 -18.21
N LYS A 142 -18.24 -26.51 -17.58
CA LYS A 142 -18.31 -27.80 -18.29
C LYS A 142 -19.60 -27.84 -19.13
N GLU A 143 -20.73 -27.55 -18.49
CA GLU A 143 -22.03 -27.46 -19.12
C GLU A 143 -22.08 -26.42 -20.25
N LEU A 144 -21.31 -25.35 -20.17
CA LEU A 144 -21.45 -24.33 -21.23
C LEU A 144 -20.49 -24.43 -22.40
N LEU A 145 -19.39 -25.16 -22.26
CA LEU A 145 -18.25 -25.00 -23.18
C LEU A 145 -18.01 -26.18 -24.15
N VAL B 5 27.40 7.77 13.05
CA VAL B 5 27.26 6.28 12.91
C VAL B 5 28.07 5.72 11.71
N THR B 6 29.27 6.26 11.55
CA THR B 6 30.21 5.79 10.56
C THR B 6 30.82 4.53 11.15
N VAL B 7 31.54 3.77 10.32
CA VAL B 7 32.35 2.58 10.75
C VAL B 7 33.17 2.84 12.07
N GLY B 8 33.02 1.96 13.06
CA GLY B 8 33.74 2.06 14.35
C GLY B 8 32.95 2.80 15.42
N LYS B 9 31.87 3.47 15.04
CA LYS B 9 30.94 4.09 16.01
C LYS B 9 29.99 3.04 16.62
N SER B 10 29.38 3.35 17.77
CA SER B 10 28.31 2.48 18.29
C SER B 10 27.03 2.58 17.43
N ALA B 11 26.47 1.44 17.09
CA ALA B 11 25.12 1.33 16.51
C ALA B 11 24.05 1.85 17.48
N PRO B 12 23.17 2.77 17.00
CA PRO B 12 22.00 3.25 17.75
C PRO B 12 21.14 2.09 18.20
N TYR B 13 20.66 2.21 19.43
CA TYR B 13 19.67 1.31 20.03
C TYR B 13 18.44 1.18 19.11
N PHE B 14 17.83 0.01 18.99
CA PHE B 14 16.56 -0.03 18.33
C PHE B 14 15.70 -0.98 19.10
N SER B 15 14.38 -0.82 19.00
CA SER B 15 13.46 -1.83 19.50
C SER B 15 12.25 -1.84 18.58
N LEU B 16 12.14 -2.88 17.76
CA LEU B 16 11.23 -2.84 16.63
C LEU B 16 10.46 -4.12 16.62
N PRO B 17 9.16 -4.05 16.31
CA PRO B 17 8.37 -5.32 16.41
C PRO B 17 8.55 -6.22 15.21
N ASN B 18 8.57 -7.51 15.48
CA ASN B 18 8.66 -8.52 14.46
C ASN B 18 7.31 -8.91 13.83
N GLU B 19 7.27 -9.96 13.04
CA GLU B 19 6.02 -10.37 12.39
C GLU B 19 4.93 -10.78 13.37
N LYS B 20 5.32 -11.09 14.62
CA LYS B 20 4.35 -11.43 15.70
C LYS B 20 4.16 -10.31 16.70
N GLY B 21 4.68 -9.14 16.42
CA GLY B 21 4.52 -8.06 17.38
C GLY B 21 5.52 -7.98 18.51
N GLU B 22 6.48 -8.90 18.56
CA GLU B 22 7.47 -8.91 19.64
C GLU B 22 8.58 -7.91 19.30
N LYS B 23 8.89 -7.00 20.21
CA LYS B 23 9.92 -6.01 19.99
C LYS B 23 11.32 -6.65 20.10
N LEU B 24 12.18 -6.46 19.10
CA LEU B 24 13.53 -7.02 19.09
C LEU B 24 14.57 -5.90 19.17
N SER B 25 15.65 -6.13 19.90
CA SER B 25 16.75 -5.15 20.03
C SER B 25 18.01 -5.95 19.80
N ARG B 26 19.15 -5.28 19.74
CA ARG B 26 20.44 -5.98 19.56
C ARG B 26 20.73 -6.91 20.76
N SER B 27 20.28 -6.49 21.93
CA SER B 27 20.47 -7.27 23.14
C SER B 27 19.49 -8.42 23.28
N ALA B 28 18.69 -8.73 22.26
CA ALA B 28 17.88 -9.94 22.32
C ALA B 28 18.84 -11.12 22.28
N GLU B 29 18.42 -12.27 22.83
CA GLU B 29 19.31 -13.44 22.92
C GLU B 29 19.66 -14.02 21.57
N ARG B 30 18.77 -13.84 20.58
CA ARG B 30 19.09 -14.28 19.25
C ARG B 30 20.18 -13.46 18.55
N PHE B 31 20.44 -12.27 19.08
CA PHE B 31 21.35 -11.31 18.46
C PHE B 31 22.61 -10.94 19.26
N ARG B 32 22.54 -11.04 20.58
CA ARG B 32 23.63 -10.54 21.45
C ARG B 32 24.94 -11.32 21.23
N ASN B 33 26.03 -10.55 21.20
CA ASN B 33 27.38 -11.08 21.14
C ASN B 33 27.58 -11.85 19.84
N ARG B 34 27.05 -11.33 18.73
CA ARG B 34 27.17 -11.92 17.39
C ARG B 34 27.52 -10.85 16.40
N TYR B 35 28.14 -11.18 15.27
CA TYR B 35 28.10 -10.28 14.14
C TYR B 35 26.64 -10.26 13.59
N LEU B 36 26.13 -9.06 13.36
CA LEU B 36 24.70 -8.89 13.04
C LEU B 36 24.68 -8.09 11.73
N LEU B 37 24.16 -8.71 10.66
CA LEU B 37 23.90 -8.04 9.41
C LEU B 37 22.43 -7.48 9.39
N LEU B 38 22.31 -6.16 9.26
CA LEU B 38 21.01 -5.49 9.16
C LEU B 38 20.78 -5.20 7.68
N ASN B 39 19.65 -5.64 7.15
CA ASN B 39 19.38 -5.26 5.78
C ASN B 39 18.11 -4.42 5.77
N PHE B 40 18.24 -3.16 5.37
CA PHE B 40 17.13 -2.19 5.21
C PHE B 40 16.54 -2.34 3.84
N TRP B 41 15.21 -2.48 3.78
CA TRP B 41 14.54 -2.73 2.51
C TRP B 41 13.07 -2.22 2.67
N ALA B 42 12.26 -2.38 1.64
CA ALA B 42 10.79 -2.16 1.78
C ALA B 42 10.11 -2.91 0.65
N SER B 43 8.91 -3.43 0.90
CA SER B 43 8.18 -4.12 -0.19
C SER B 43 7.93 -3.20 -1.35
N TRP B 44 7.82 -1.90 -1.09
CA TRP B 44 7.46 -0.96 -2.16
C TRP B 44 8.67 -0.65 -3.07
N CYS B 45 9.83 -1.23 -2.70
CA CYS B 45 11.00 -1.23 -3.54
C CYS B 45 11.21 -2.48 -4.40
N ASP B 46 10.38 -3.50 -4.22
CA ASP B 46 10.60 -4.76 -4.89
C ASP B 46 10.21 -4.71 -6.38
N PRO B 47 10.84 -5.52 -7.25
CA PRO B 47 11.88 -6.56 -7.01
C PRO B 47 13.30 -6.05 -6.74
N GLN B 48 14.01 -6.82 -5.93
CA GLN B 48 15.41 -6.61 -5.64
C GLN B 48 16.07 -7.99 -5.79
N PRO B 49 16.05 -8.53 -7.02
CA PRO B 49 16.44 -9.96 -7.18
C PRO B 49 17.89 -10.22 -6.73
N GLU B 50 18.83 -9.39 -7.16
CA GLU B 50 20.25 -9.52 -6.83
C GLU B 50 20.58 -9.35 -5.29
N ALA B 51 20.05 -8.29 -4.66
CA ALA B 51 20.15 -8.12 -3.23
C ALA B 51 19.55 -9.29 -2.43
N ASN B 52 18.40 -9.80 -2.81
CA ASN B 52 17.82 -10.92 -2.08
C ASN B 52 18.55 -12.23 -2.31
N ALA B 53 19.13 -12.41 -3.51
CA ALA B 53 19.88 -13.67 -3.78
C ALA B 53 21.11 -13.74 -2.86
N GLU B 54 21.82 -12.62 -2.71
CA GLU B 54 22.98 -12.55 -1.82
C GLU B 54 22.55 -12.81 -0.37
N LEU B 55 21.47 -12.19 0.07
CA LEU B 55 21.03 -12.41 1.42
C LEU B 55 20.58 -13.85 1.69
N LYS B 56 19.85 -14.42 0.75
CA LYS B 56 19.36 -15.81 0.93
C LYS B 56 20.53 -16.80 1.01
N ARG B 57 21.52 -16.59 0.17
CA ARG B 57 22.76 -17.32 0.14
C ARG B 57 23.52 -17.31 1.46
N LEU B 58 23.67 -16.10 2.03
CA LEU B 58 24.34 -15.90 3.29
C LEU B 58 23.59 -16.51 4.45
N ASN B 59 22.27 -16.51 4.35
CA ASN B 59 21.42 -17.04 5.38
C ASN B 59 21.52 -18.57 5.43
N LYS B 60 21.60 -19.22 4.26
CA LYS B 60 21.77 -20.71 4.19
C LYS B 60 23.18 -21.04 4.67
N GLU B 61 24.17 -20.40 4.07
CA GLU B 61 25.56 -20.69 4.42
C GLU B 61 25.92 -20.57 5.90
N TYR B 62 25.38 -19.59 6.62
CA TYR B 62 25.79 -19.40 8.00
C TYR B 62 24.69 -19.78 8.92
N LYS B 63 23.72 -20.54 8.41
CA LYS B 63 22.55 -20.97 9.16
C LYS B 63 22.91 -21.51 10.55
N LYS B 64 23.99 -22.30 10.61
CA LYS B 64 24.40 -22.98 11.85
C LYS B 64 25.49 -22.23 12.64
N ASN B 65 26.01 -21.18 12.04
CA ASN B 65 27.04 -20.41 12.68
C ASN B 65 26.49 -19.53 13.81
N LYS B 66 26.87 -19.86 15.04
CA LYS B 66 26.42 -19.17 16.25
C LYS B 66 27.01 -17.77 16.39
N ASN B 67 27.93 -17.37 15.52
CA ASN B 67 28.52 -16.03 15.65
C ASN B 67 27.91 -15.00 14.63
N PHE B 68 26.76 -15.34 14.04
CA PHE B 68 26.20 -14.53 12.96
C PHE B 68 24.69 -14.49 13.12
N ALA B 69 24.08 -13.33 12.92
CA ALA B 69 22.59 -13.27 12.78
C ALA B 69 22.26 -12.21 11.73
N MSE B 70 21.03 -12.25 11.20
CA MSE B 70 20.60 -11.27 10.18
C MSE B 70 19.27 -10.69 10.65
O MSE B 70 18.49 -11.39 11.23
CB MSE B 70 20.43 -11.96 8.84
CG MSE B 70 21.76 -12.20 8.14
SE MSE B 70 21.54 -13.36 6.57
CE MSE B 70 20.15 -12.27 5.57
N LEU B 71 19.05 -9.40 10.39
CA LEU B 71 17.75 -8.80 10.71
C LEU B 71 17.32 -7.93 9.55
N GLY B 72 16.13 -8.20 9.01
CA GLY B 72 15.52 -7.33 7.95
C GLY B 72 14.80 -6.19 8.64
N ILE B 73 15.10 -4.95 8.27
CA ILE B 73 14.35 -3.83 8.81
C ILE B 73 13.63 -3.20 7.62
N SER B 74 12.28 -3.25 7.64
CA SER B 74 11.53 -2.75 6.48
C SER B 74 11.04 -1.31 6.69
N LEU B 75 11.02 -0.53 5.62
CA LEU B 75 10.41 0.81 5.63
C LEU B 75 8.99 0.76 5.01
N ASP B 76 8.36 -0.41 5.05
CA ASP B 76 6.89 -0.52 4.77
C ASP B 76 6.01 0.28 5.71
N ILE B 77 4.82 0.64 5.25
CA ILE B 77 3.83 1.35 6.12
C ILE B 77 2.60 0.52 6.31
N ASP B 78 2.53 -0.59 5.57
CA ASP B 78 1.35 -1.48 5.53
C ASP B 78 1.87 -2.91 5.75
N ARG B 79 1.33 -3.51 6.79
CA ARG B 79 1.74 -4.81 7.28
C ARG B 79 1.31 -5.89 6.28
N GLU B 80 0.19 -5.69 5.60
CA GLU B 80 -0.13 -6.60 4.52
C GLU B 80 0.92 -6.61 3.38
N ALA B 81 1.34 -5.45 2.90
CA ALA B 81 2.37 -5.43 1.83
C ALA B 81 3.68 -6.08 2.33
N TRP B 82 4.11 -5.71 3.53
CA TRP B 82 5.32 -6.22 4.18
C TRP B 82 5.27 -7.75 4.25
N GLU B 83 4.22 -8.31 4.85
CA GLU B 83 4.09 -9.78 4.94
C GLU B 83 4.03 -10.46 3.56
N THR B 84 3.32 -9.88 2.60
CA THR B 84 3.25 -10.47 1.31
C THR B 84 4.63 -10.56 0.69
N ALA B 85 5.44 -9.52 0.82
CA ALA B 85 6.79 -9.60 0.27
C ALA B 85 7.69 -10.61 1.03
N ILE B 86 7.55 -10.70 2.35
CA ILE B 86 8.29 -11.69 3.13
C ILE B 86 7.97 -13.11 2.59
N LYS B 87 6.69 -13.38 2.32
CA LYS B 87 6.25 -14.70 1.86
C LYS B 87 6.67 -14.94 0.40
N LYS B 88 6.35 -14.03 -0.49
CA LYS B 88 6.76 -14.15 -1.88
C LYS B 88 8.27 -14.26 -2.10
N ASP B 89 9.09 -13.60 -1.28
CA ASP B 89 10.52 -13.55 -1.51
C ASP B 89 11.25 -14.52 -0.58
N THR B 90 10.51 -15.29 0.20
CA THR B 90 11.09 -16.20 1.20
C THR B 90 12.13 -15.54 2.10
N LEU B 91 11.79 -14.37 2.67
CA LEU B 91 12.67 -13.65 3.58
C LEU B 91 12.61 -14.33 4.94
N SER B 92 13.30 -15.47 5.08
CA SER B 92 13.03 -16.33 6.26
C SER B 92 13.70 -15.95 7.57
N TRP B 93 14.71 -15.08 7.54
CA TRP B 93 15.40 -14.64 8.76
C TRP B 93 14.49 -13.65 9.47
N ASP B 94 14.90 -13.17 10.65
CA ASP B 94 14.10 -12.27 11.46
C ASP B 94 13.75 -10.98 10.65
N GLN B 95 12.51 -10.52 10.82
CA GLN B 95 11.98 -9.37 10.05
C GLN B 95 11.28 -8.47 11.00
N VAL B 96 11.60 -7.18 10.96
CA VAL B 96 10.89 -6.18 11.78
C VAL B 96 10.48 -4.96 10.96
N CYS B 97 9.51 -4.22 11.50
CA CYS B 97 8.97 -3.07 10.82
C CYS B 97 8.07 -2.40 11.80
N ASP B 98 8.19 -1.08 11.92
CA ASP B 98 7.29 -0.36 12.81
C ASP B 98 6.29 0.49 12.02
N PHE B 99 6.26 0.30 10.70
CA PHE B 99 5.31 0.95 9.77
C PHE B 99 5.35 2.45 9.76
N THR B 100 6.56 3.05 9.83
CA THR B 100 6.72 4.50 9.74
C THR B 100 7.14 4.95 8.35
N GLY B 101 7.65 4.06 7.51
CA GLY B 101 8.03 4.45 6.16
C GLY B 101 9.33 5.21 6.05
N LEU B 102 9.43 5.99 5.00
CA LEU B 102 10.48 6.97 4.77
C LEU B 102 10.75 7.83 5.99
N SER B 103 9.78 8.10 6.85
CA SER B 103 10.12 8.90 8.04
C SER B 103 10.79 8.11 9.17
N SER B 104 11.16 6.86 8.92
CA SER B 104 11.63 6.00 9.98
C SER B 104 12.82 6.59 10.75
N GLU B 105 12.64 6.68 12.06
CA GLU B 105 13.68 7.05 13.01
C GLU B 105 14.90 6.12 12.93
N THR B 106 14.70 4.82 12.74
CA THR B 106 15.79 3.86 12.66
C THR B 106 16.65 4.10 11.44
N ALA B 107 16.01 4.29 10.28
CA ALA B 107 16.76 4.68 9.05
C ALA B 107 17.54 5.99 9.21
N LYS B 108 16.89 6.96 9.81
CA LYS B 108 17.51 8.23 10.07
C LYS B 108 18.74 8.06 11.00
N GLN B 109 18.54 7.40 12.14
CA GLN B 109 19.70 7.16 13.05
C GLN B 109 20.83 6.30 12.44
N TYR B 110 20.51 5.36 11.53
CA TYR B 110 21.57 4.61 10.82
C TYR B 110 22.14 5.32 9.59
N ALA B 111 21.65 6.56 9.33
CA ALA B 111 22.03 7.37 8.16
C ALA B 111 21.83 6.58 6.86
N ILE B 112 20.69 5.90 6.74
CA ILE B 112 20.44 5.11 5.53
C ILE B 112 19.94 6.09 4.47
N LEU B 113 20.52 6.07 3.27
CA LEU B 113 20.18 7.08 2.28
C LEU B 113 19.32 6.49 1.15
N THR B 114 19.58 5.24 0.78
CA THR B 114 18.76 4.57 -0.25
C THR B 114 18.46 3.14 0.21
N LEU B 115 17.59 2.46 -0.52
CA LEU B 115 17.22 1.09 -0.22
C LEU B 115 17.53 0.28 -1.48
N PRO B 116 17.95 -0.97 -1.33
CA PRO B 116 18.26 -1.65 -0.05
C PRO B 116 19.68 -1.30 0.42
N THR B 117 19.94 -1.39 1.72
CA THR B 117 21.25 -1.03 2.26
C THR B 117 21.55 -1.99 3.38
N ASN B 118 22.70 -2.65 3.30
CA ASN B 118 23.22 -3.49 4.39
C ASN B 118 24.22 -2.77 5.32
N ILE B 119 24.07 -2.95 6.63
CA ILE B 119 24.95 -2.45 7.65
C ILE B 119 25.43 -3.67 8.51
N LEU B 120 26.75 -3.85 8.59
CA LEU B 120 27.28 -4.95 9.37
C LEU B 120 27.71 -4.48 10.75
N LEU B 121 27.20 -5.12 11.78
CA LEU B 121 27.58 -4.76 13.16
C LEU B 121 28.46 -5.87 13.79
N SER B 122 29.41 -5.45 14.65
CA SER B 122 30.28 -6.39 15.38
C SER B 122 29.58 -6.82 16.63
N PRO B 123 30.10 -7.92 17.25
CA PRO B 123 29.57 -8.50 18.48
C PRO B 123 29.47 -7.49 19.62
N THR B 124 30.22 -6.40 19.56
CA THR B 124 30.05 -5.34 20.55
C THR B 124 29.22 -4.12 20.06
N GLY B 125 28.54 -4.23 18.93
CA GLY B 125 27.58 -3.20 18.54
C GLY B 125 28.23 -2.09 17.76
N LYS B 126 29.42 -2.34 17.26
CA LYS B 126 30.14 -1.37 16.45
C LYS B 126 29.80 -1.60 15.01
N ILE B 127 29.65 -0.50 14.26
CA ILE B 127 29.44 -0.55 12.83
C ILE B 127 30.74 -0.90 12.17
N LEU B 128 30.76 -2.02 11.47
CA LEU B 128 31.93 -2.45 10.74
C LEU B 128 31.88 -2.16 9.28
N ALA B 129 30.68 -2.03 8.71
CA ALA B 129 30.59 -1.78 7.26
C ALA B 129 29.21 -1.21 6.95
N ARG B 130 29.18 -0.28 6.02
CA ARG B 130 27.96 0.43 5.63
C ARG B 130 27.85 0.20 4.15
N ASP B 131 26.64 -0.11 3.70
CA ASP B 131 26.35 -0.40 2.30
C ASP B 131 27.24 -1.45 1.66
N ILE B 132 27.44 -2.52 2.39
CA ILE B 132 28.28 -3.57 1.94
C ILE B 132 27.37 -4.61 1.24
N GLN B 133 27.82 -5.11 0.09
CA GLN B 133 26.97 -5.95 -0.75
C GLN B 133 27.86 -6.72 -1.68
N GLY B 134 27.25 -7.61 -2.45
CA GLY B 134 27.96 -8.32 -3.49
C GLY B 134 29.13 -9.11 -2.94
N GLU B 135 30.23 -9.09 -3.70
CA GLU B 135 31.43 -9.89 -3.40
C GLU B 135 32.06 -9.37 -2.14
N ALA B 136 32.19 -8.04 -2.05
CA ALA B 136 32.69 -7.39 -0.84
C ALA B 136 32.02 -7.90 0.44
N LEU B 137 30.72 -8.17 0.41
CA LEU B 137 30.04 -8.72 1.57
C LEU B 137 30.39 -10.20 1.79
N THR B 138 30.30 -11.02 0.73
CA THR B 138 30.65 -12.44 0.85
C THR B 138 32.08 -12.52 1.40
N GLY B 139 33.00 -11.79 0.78
CA GLY B 139 34.38 -11.66 1.23
C GLY B 139 34.53 -11.31 2.69
N LYS B 140 33.86 -10.25 3.13
CA LYS B 140 34.01 -9.77 4.49
C LYS B 140 33.54 -10.79 5.48
N LEU B 141 32.45 -11.48 5.15
CA LEU B 141 31.87 -12.40 6.09
C LEU B 141 32.75 -13.68 6.17
N LYS B 142 33.42 -14.01 5.07
CA LYS B 142 34.31 -15.17 5.03
C LYS B 142 35.46 -14.92 5.99
N GLU B 143 36.11 -13.77 5.84
CA GLU B 143 37.17 -13.35 6.74
C GLU B 143 36.68 -13.36 8.21
N LEU B 144 35.53 -12.74 8.52
CA LEU B 144 35.11 -12.60 9.92
C LEU B 144 34.59 -13.89 10.55
N LEU B 145 34.03 -14.79 9.77
CA LEU B 145 33.27 -15.93 10.35
C LEU B 145 33.99 -17.30 10.45
N THR C 6 -7.83 13.62 3.33
CA THR C 6 -8.95 14.08 4.20
C THR C 6 -8.42 14.78 5.47
N VAL C 7 -7.14 14.59 5.79
CA VAL C 7 -6.53 15.19 7.03
C VAL C 7 -6.78 16.70 7.18
N GLY C 8 -7.55 17.07 8.22
CA GLY C 8 -7.87 18.48 8.51
C GLY C 8 -9.35 18.85 8.31
N LYS C 9 -10.02 18.08 7.45
CA LYS C 9 -11.46 18.24 7.21
C LYS C 9 -12.26 17.55 8.34
N SER C 10 -13.55 17.88 8.41
CA SER C 10 -14.48 17.34 9.38
C SER C 10 -14.88 15.94 9.01
N ALA C 11 -15.07 15.10 10.02
CA ALA C 11 -15.51 13.75 9.80
C ALA C 11 -16.99 13.82 9.41
N PRO C 12 -17.38 13.18 8.30
CA PRO C 12 -18.80 13.04 8.01
C PRO C 12 -19.59 12.38 9.14
N TYR C 13 -20.83 12.85 9.27
CA TYR C 13 -21.81 12.26 10.16
C TYR C 13 -22.05 10.76 9.81
N PHE C 14 -22.24 9.93 10.82
CA PHE C 14 -22.66 8.53 10.56
C PHE C 14 -23.66 8.11 11.62
N SER C 15 -24.55 7.18 11.30
CA SER C 15 -25.42 6.62 12.32
C SER C 15 -25.56 5.17 12.00
N LEU C 16 -24.90 4.32 12.76
CA LEU C 16 -24.72 2.93 12.37
C LEU C 16 -25.13 2.03 13.51
N PRO C 17 -25.77 0.90 13.19
CA PRO C 17 -26.22 0.02 14.26
C PRO C 17 -25.10 -0.85 14.84
N ASN C 18 -25.16 -1.02 16.16
CA ASN C 18 -24.22 -1.88 16.88
C ASN C 18 -24.68 -3.32 16.93
N GLU C 19 -24.02 -4.14 17.73
CA GLU C 19 -24.33 -5.56 17.80
C GLU C 19 -25.78 -5.82 18.28
N LYS C 20 -26.25 -5.00 19.22
CA LYS C 20 -27.63 -5.09 19.73
C LYS C 20 -28.63 -4.44 18.78
N GLY C 21 -28.19 -3.72 17.75
CA GLY C 21 -29.11 -3.09 16.84
C GLY C 21 -29.37 -1.63 17.11
N GLU C 22 -28.70 -1.03 18.08
CA GLU C 22 -28.90 0.37 18.43
C GLU C 22 -27.95 1.30 17.65
N LYS C 23 -28.46 2.42 17.16
CA LYS C 23 -27.68 3.29 16.32
C LYS C 23 -26.67 4.15 17.10
N LEU C 24 -25.45 4.26 16.59
CA LEU C 24 -24.39 5.09 17.18
C LEU C 24 -23.94 6.20 16.21
N SER C 25 -23.67 7.38 16.76
CA SER C 25 -23.07 8.48 16.03
C SER C 25 -21.96 9.00 16.91
N ARG C 26 -21.14 9.88 16.35
CA ARG C 26 -20.09 10.52 17.14
C ARG C 26 -20.66 11.36 18.30
N SER C 27 -21.82 11.96 18.09
CA SER C 27 -22.50 12.70 19.17
C SER C 27 -23.05 11.80 20.31
N ALA C 28 -22.83 10.49 20.26
CA ALA C 28 -23.29 9.62 21.35
C ALA C 28 -22.49 9.95 22.57
N GLU C 29 -23.07 9.76 23.75
CA GLU C 29 -22.38 10.05 25.01
C GLU C 29 -21.06 9.35 25.13
N ARG C 30 -21.03 8.08 24.74
CA ARG C 30 -19.79 7.32 24.87
C ARG C 30 -18.66 7.79 23.90
N PHE C 31 -19.00 8.63 22.90
CA PHE C 31 -18.02 9.10 21.92
C PHE C 31 -17.70 10.57 21.95
N ARG C 32 -18.65 11.38 22.37
CA ARG C 32 -18.54 12.80 22.13
C ARG C 32 -17.40 13.40 22.92
N ASN C 33 -16.86 14.46 22.34
CA ASN C 33 -15.81 15.25 22.93
C ASN C 33 -14.67 14.34 23.45
N ARG C 34 -14.20 13.41 22.56
CA ARG C 34 -13.03 12.56 22.78
C ARG C 34 -12.26 12.33 21.51
N TYR C 35 -10.99 11.98 21.63
CA TYR C 35 -10.25 11.40 20.52
C TYR C 35 -10.91 10.08 20.24
N LEU C 36 -11.19 9.85 18.99
CA LEU C 36 -11.94 8.69 18.59
C LEU C 36 -11.15 8.02 17.42
N LEU C 37 -10.70 6.80 17.63
CA LEU C 37 -10.07 5.94 16.65
C LEU C 37 -11.13 5.03 15.97
N LEU C 38 -11.38 5.22 14.67
CA LEU C 38 -12.33 4.34 13.92
C LEU C 38 -11.46 3.33 13.27
N ASN C 39 -11.76 2.06 13.43
CA ASN C 39 -11.11 1.08 12.59
C ASN C 39 -12.11 0.44 11.63
N PHE C 40 -11.87 0.60 10.32
CA PHE C 40 -12.69 -0.04 9.26
C PHE C 40 -12.06 -1.38 8.95
N TRP C 41 -12.89 -2.43 8.90
CA TRP C 41 -12.40 -3.80 8.73
C TRP C 41 -13.54 -4.61 8.12
N ALA C 42 -13.29 -5.85 7.76
CA ALA C 42 -14.41 -6.79 7.57
C ALA C 42 -13.91 -8.17 7.77
N SER C 43 -14.80 -9.06 8.25
CA SER C 43 -14.38 -10.44 8.52
C SER C 43 -13.92 -11.12 7.22
N TRP C 44 -14.41 -10.61 6.07
CA TRP C 44 -14.09 -11.24 4.79
C TRP C 44 -12.76 -10.75 4.22
N CYS C 45 -12.16 -9.76 4.88
CA CYS C 45 -10.89 -9.20 4.46
C CYS C 45 -10.03 -8.80 5.66
N ASP C 46 -9.50 -9.78 6.34
CA ASP C 46 -8.80 -9.58 7.63
C ASP C 46 -7.55 -10.44 7.64
N PRO C 47 -6.62 -10.22 6.69
CA PRO C 47 -5.61 -11.27 6.49
C PRO C 47 -4.44 -11.21 7.46
N GLN C 48 -4.25 -10.06 8.14
CA GLN C 48 -3.14 -9.89 9.12
C GLN C 48 -3.67 -9.79 10.59
N PRO C 49 -3.42 -10.84 11.40
CA PRO C 49 -3.82 -10.85 12.85
C PRO C 49 -3.21 -9.70 13.67
N GLU C 50 -1.99 -9.23 13.34
CA GLU C 50 -1.36 -8.11 14.07
C GLU C 50 -2.16 -6.81 14.01
N ALA C 51 -3.02 -6.66 12.98
CA ALA C 51 -3.89 -5.48 12.88
C ALA C 51 -4.83 -5.44 14.12
N ASN C 52 -5.53 -6.53 14.38
CA ASN C 52 -6.38 -6.57 15.55
C ASN C 52 -5.59 -6.59 16.87
N ALA C 53 -4.48 -7.32 16.90
CA ALA C 53 -3.72 -7.40 18.15
C ALA C 53 -3.25 -6.00 18.59
N GLU C 54 -2.77 -5.17 17.66
CA GLU C 54 -2.35 -3.86 18.10
C GLU C 54 -3.55 -3.02 18.59
N LEU C 55 -4.71 -3.18 17.98
CA LEU C 55 -5.87 -2.44 18.42
C LEU C 55 -6.32 -2.97 19.81
N LYS C 56 -6.31 -4.28 20.00
CA LYS C 56 -6.55 -4.83 21.34
C LYS C 56 -5.59 -4.31 22.41
N ARG C 57 -4.31 -4.17 22.12
CA ARG C 57 -3.35 -3.60 23.05
C ARG C 57 -3.71 -2.16 23.37
N LEU C 58 -4.06 -1.36 22.36
CA LEU C 58 -4.48 0.01 22.61
C LEU C 58 -5.75 0.11 23.42
N ASN C 59 -6.71 -0.75 23.14
CA ASN C 59 -7.94 -0.71 23.90
C ASN C 59 -7.64 -0.94 25.43
N LYS C 60 -6.78 -1.90 25.71
CA LYS C 60 -6.36 -2.25 27.08
C LYS C 60 -5.62 -1.08 27.72
N GLU C 61 -4.66 -0.53 27.00
CA GLU C 61 -3.81 0.50 27.49
C GLU C 61 -4.52 1.84 27.84
N TYR C 62 -5.53 2.23 27.07
CA TYR C 62 -6.14 3.50 27.36
C TYR C 62 -7.57 3.34 27.89
N LYS C 63 -7.94 2.17 28.41
CA LYS C 63 -9.34 1.96 28.79
C LYS C 63 -9.81 2.84 29.93
N LYS C 64 -8.89 3.28 30.79
CA LYS C 64 -9.24 4.25 31.84
C LYS C 64 -9.16 5.73 31.42
N ASN C 65 -8.70 6.02 30.18
CA ASN C 65 -8.60 7.41 29.70
C ASN C 65 -9.95 7.83 29.11
N LYS C 66 -10.54 8.87 29.70
CA LYS C 66 -11.91 9.33 29.36
C LYS C 66 -11.87 10.22 28.13
N ASN C 67 -10.69 10.64 27.68
CA ASN C 67 -10.62 11.43 26.47
C ASN C 67 -10.31 10.56 25.21
N PHE C 68 -10.53 9.26 25.30
CA PHE C 68 -10.29 8.35 24.16
C PHE C 68 -11.37 7.33 24.00
N ALA C 69 -11.77 7.03 22.76
CA ALA C 69 -12.70 5.94 22.50
C ALA C 69 -12.36 5.27 21.15
N MSE C 70 -12.74 3.98 21.01
CA MSE C 70 -12.51 3.24 19.77
C MSE C 70 -13.82 2.73 19.22
O MSE C 70 -14.71 2.35 20.00
CB MSE C 70 -11.55 2.09 20.00
CG MSE C 70 -10.10 2.60 20.21
SE MSE C 70 -9.03 1.15 20.85
CE MSE C 70 -9.42 -0.23 19.42
N LEU C 71 -13.96 2.75 17.90
CA LEU C 71 -15.14 2.27 17.21
C LEU C 71 -14.73 1.41 15.99
N GLY C 72 -15.12 0.14 16.01
CA GLY C 72 -14.99 -0.69 14.84
C GLY C 72 -16.18 -0.57 13.90
N ILE C 73 -15.90 -0.29 12.63
CA ILE C 73 -16.91 -0.24 11.61
C ILE C 73 -16.60 -1.34 10.58
N SER C 74 -17.50 -2.32 10.48
CA SER C 74 -17.30 -3.39 9.56
C SER C 74 -18.03 -3.21 8.22
N LEU C 75 -17.37 -3.65 7.17
CA LEU C 75 -17.97 -3.83 5.84
C LEU C 75 -18.45 -5.27 5.58
N ASP C 76 -18.74 -5.98 6.66
CA ASP C 76 -19.49 -7.19 6.55
C ASP C 76 -20.86 -7.02 5.96
N ILE C 77 -21.35 -8.10 5.36
CA ILE C 77 -22.69 -8.10 4.82
C ILE C 77 -23.56 -9.19 5.46
N ASP C 78 -22.96 -9.96 6.35
CA ASP C 78 -23.62 -11.10 6.98
C ASP C 78 -23.46 -10.92 8.50
N ARG C 79 -24.57 -10.76 9.21
CA ARG C 79 -24.51 -10.53 10.65
C ARG C 79 -23.75 -11.66 11.34
N GLU C 80 -23.93 -12.88 10.86
CA GLU C 80 -23.35 -14.01 11.59
C GLU C 80 -21.82 -14.07 11.44
N ALA C 81 -21.30 -13.85 10.22
CA ALA C 81 -19.84 -13.78 9.99
C ALA C 81 -19.23 -12.62 10.79
N TRP C 82 -19.96 -11.50 10.90
CA TRP C 82 -19.52 -10.33 11.67
C TRP C 82 -19.36 -10.65 13.17
N GLU C 83 -20.43 -11.17 13.79
CA GLU C 83 -20.36 -11.59 15.22
C GLU C 83 -19.39 -12.69 15.50
N THR C 84 -19.24 -13.61 14.57
CA THR C 84 -18.28 -14.63 14.74
C THR C 84 -16.88 -14.02 14.83
N ALA C 85 -16.47 -13.11 13.89
CA ALA C 85 -15.13 -12.53 13.93
C ALA C 85 -14.97 -11.71 15.20
N ILE C 86 -16.00 -10.98 15.58
CA ILE C 86 -15.94 -10.19 16.81
C ILE C 86 -15.60 -11.06 18.02
N LYS C 87 -16.23 -12.24 18.13
CA LYS C 87 -15.88 -13.14 19.23
C LYS C 87 -14.53 -13.81 19.07
N LYS C 88 -14.28 -14.39 17.92
CA LYS C 88 -13.03 -15.05 17.65
C LYS C 88 -11.79 -14.20 18.03
N ASP C 89 -11.79 -12.92 17.68
CA ASP C 89 -10.66 -12.06 17.94
C ASP C 89 -10.87 -11.16 19.16
N THR C 90 -11.98 -11.33 19.88
CA THR C 90 -12.34 -10.50 21.05
C THR C 90 -12.22 -9.01 20.79
N LEU C 91 -13.03 -8.55 19.87
CA LEU C 91 -13.05 -7.17 19.51
C LEU C 91 -14.06 -6.52 20.46
N SER C 92 -13.57 -6.23 21.66
CA SER C 92 -14.32 -5.72 22.85
C SER C 92 -14.92 -4.35 22.80
N TRP C 93 -14.29 -3.44 22.06
CA TRP C 93 -14.79 -2.11 21.97
C TRP C 93 -16.08 -2.09 21.12
N ASP C 94 -16.73 -0.93 21.05
CA ASP C 94 -17.97 -0.80 20.30
C ASP C 94 -17.75 -1.22 18.84
N GLN C 95 -18.77 -1.88 18.29
CA GLN C 95 -18.71 -2.51 16.99
C GLN C 95 -19.99 -2.14 16.26
N VAL C 96 -19.88 -1.46 15.13
CA VAL C 96 -21.05 -1.25 14.29
C VAL C 96 -20.87 -1.84 12.89
N CYS C 97 -21.97 -1.99 12.18
CA CYS C 97 -21.93 -2.50 10.83
C CYS C 97 -23.31 -2.20 10.25
N ASP C 98 -23.40 -1.64 9.04
CA ASP C 98 -24.77 -1.59 8.41
C ASP C 98 -25.03 -2.55 7.23
N PHE C 99 -24.10 -3.48 6.93
CA PHE C 99 -24.38 -4.58 6.02
C PHE C 99 -24.50 -4.18 4.53
N THR C 100 -23.82 -3.12 4.14
CA THR C 100 -23.80 -2.68 2.75
C THR C 100 -22.51 -3.19 2.06
N GLY C 101 -21.47 -3.55 2.82
CA GLY C 101 -20.27 -4.12 2.20
C GLY C 101 -19.49 -3.04 1.44
N LEU C 102 -18.87 -3.45 0.34
CA LEU C 102 -18.12 -2.56 -0.55
C LEU C 102 -18.87 -1.32 -1.05
N SER C 103 -20.15 -1.35 -1.10
CA SER C 103 -20.74 -0.10 -1.49
C SER C 103 -21.10 0.79 -0.29
N SER C 104 -20.56 0.51 0.91
CA SER C 104 -20.85 1.31 2.08
C SER C 104 -20.65 2.80 1.76
N GLU C 105 -21.65 3.58 2.11
CA GLU C 105 -21.58 5.01 2.03
C GLU C 105 -20.66 5.61 3.09
N THR C 106 -20.66 5.03 4.29
CA THR C 106 -19.71 5.45 5.32
C THR C 106 -18.26 5.38 4.81
N ALA C 107 -17.93 4.30 4.11
CA ALA C 107 -16.56 4.04 3.69
C ALA C 107 -16.24 5.06 2.61
N LYS C 108 -17.20 5.27 1.71
CA LYS C 108 -16.97 6.24 0.64
C LYS C 108 -16.83 7.68 1.20
N GLN C 109 -17.68 8.09 2.12
CA GLN C 109 -17.49 9.41 2.72
C GLN C 109 -16.19 9.57 3.52
N TYR C 110 -15.70 8.50 4.13
CA TYR C 110 -14.45 8.65 4.86
C TYR C 110 -13.28 8.41 3.95
N ALA C 111 -13.51 8.21 2.65
CA ALA C 111 -12.45 7.93 1.67
C ALA C 111 -11.62 6.71 2.15
N ILE C 112 -12.32 5.66 2.56
CA ILE C 112 -11.68 4.41 2.92
C ILE C 112 -11.57 3.60 1.62
N LEU C 113 -10.35 3.31 1.20
CA LEU C 113 -10.08 2.77 -0.11
C LEU C 113 -9.68 1.32 0.01
N THR C 114 -9.08 0.95 1.15
CA THR C 114 -8.69 -0.46 1.37
C THR C 114 -9.06 -0.89 2.79
N LEU C 115 -8.95 -2.18 3.07
CA LEU C 115 -9.21 -2.68 4.42
C LEU C 115 -8.02 -3.48 4.91
N PRO C 116 -7.66 -3.37 6.22
CA PRO C 116 -8.24 -2.46 7.25
C PRO C 116 -7.69 -1.07 7.19
N THR C 117 -8.49 -0.09 7.64
CA THR C 117 -7.98 1.26 7.71
C THR C 117 -8.33 1.92 9.05
N ASN C 118 -7.36 2.55 9.72
CA ASN C 118 -7.59 3.32 10.98
C ASN C 118 -7.68 4.78 10.66
N ILE C 119 -8.63 5.52 11.26
CA ILE C 119 -8.83 6.97 11.05
C ILE C 119 -8.89 7.52 12.50
N LEU C 120 -8.08 8.54 12.77
CA LEU C 120 -8.06 9.11 14.11
C LEU C 120 -8.82 10.44 14.06
N LEU C 121 -9.84 10.61 14.91
CA LEU C 121 -10.57 11.88 14.92
C LEU C 121 -10.25 12.65 16.20
N SER C 122 -10.24 13.95 16.08
CA SER C 122 -10.08 14.84 17.24
C SER C 122 -11.43 15.03 17.95
N PRO C 123 -11.40 15.61 19.17
CA PRO C 123 -12.64 15.82 19.92
C PRO C 123 -13.67 16.64 19.17
N THR C 124 -13.28 17.57 18.33
CA THR C 124 -14.30 18.25 17.51
C THR C 124 -14.56 17.63 16.13
N GLY C 125 -14.12 16.38 15.91
CA GLY C 125 -14.43 15.63 14.70
C GLY C 125 -13.53 15.90 13.50
N LYS C 126 -12.40 16.60 13.68
CA LYS C 126 -11.43 16.75 12.58
C LYS C 126 -10.55 15.46 12.41
N ILE C 127 -10.24 15.11 11.16
CA ILE C 127 -9.39 13.99 10.86
C ILE C 127 -7.94 14.41 11.14
N LEU C 128 -7.31 13.74 12.07
CA LEU C 128 -5.96 14.09 12.44
C LEU C 128 -4.95 13.21 11.73
N ALA C 129 -5.35 11.98 11.43
CA ALA C 129 -4.43 11.00 10.84
C ALA C 129 -5.20 9.80 10.28
N ARG C 130 -4.65 9.16 9.27
CA ARG C 130 -5.33 8.03 8.65
C ARG C 130 -4.34 7.08 8.05
N ASP C 131 -4.78 5.83 7.91
CA ASP C 131 -3.95 4.78 7.36
C ASP C 131 -2.75 4.50 8.23
N ILE C 132 -2.89 4.65 9.54
CA ILE C 132 -1.73 4.51 10.42
C ILE C 132 -1.77 3.15 11.10
N GLN C 133 -0.58 2.55 11.19
CA GLN C 133 -0.34 1.25 11.80
C GLN C 133 0.94 1.38 12.66
N GLY C 134 1.17 0.39 13.53
CA GLY C 134 2.43 0.27 14.23
C GLY C 134 2.76 1.53 15.02
N GLU C 135 4.03 1.94 14.95
CA GLU C 135 4.52 3.15 15.63
C GLU C 135 3.86 4.43 15.13
N ALA C 136 3.51 4.48 13.82
CA ALA C 136 2.78 5.63 13.32
C ALA C 136 1.44 5.75 14.10
N LEU C 137 0.86 4.63 14.52
CA LEU C 137 -0.41 4.69 15.25
C LEU C 137 -0.19 4.97 16.78
N THR C 138 0.63 4.13 17.39
CA THR C 138 0.85 4.23 18.82
C THR C 138 1.63 5.48 19.23
N GLY C 139 2.61 5.92 18.44
CA GLY C 139 3.30 7.19 18.76
C GLY C 139 2.37 8.39 18.69
N LYS C 140 1.53 8.46 17.65
CA LYS C 140 0.54 9.51 17.52
C LYS C 140 -0.41 9.54 18.73
N LEU C 141 -0.93 8.39 19.12
CA LEU C 141 -1.80 8.37 20.29
C LEU C 141 -1.06 8.72 21.57
N LYS C 142 0.16 8.21 21.73
CA LYS C 142 0.95 8.52 22.94
C LYS C 142 1.14 10.04 23.05
N GLU C 143 1.24 10.72 21.93
CA GLU C 143 1.41 12.18 21.89
C GLU C 143 0.13 12.91 22.30
N LEU C 144 -1.04 12.39 21.90
CA LEU C 144 -2.30 13.12 22.06
C LEU C 144 -2.90 12.95 23.41
N LEU C 145 -2.69 11.78 23.98
CA LEU C 145 -3.20 11.43 25.24
C LEU C 145 -2.02 11.60 26.23
N LYS D 9 -4.85 21.42 4.05
CA LYS D 9 -3.49 21.85 4.55
C LYS D 9 -2.63 22.52 3.47
N SER D 10 -1.78 23.47 3.92
CA SER D 10 -0.79 24.19 3.08
C SER D 10 0.44 23.35 2.69
N ALA D 11 1.00 23.66 1.52
CA ALA D 11 2.19 22.98 1.00
C ALA D 11 3.40 23.65 1.60
N PRO D 12 4.26 22.89 2.32
CA PRO D 12 5.50 23.46 2.88
C PRO D 12 6.38 24.07 1.82
N TYR D 13 7.17 25.06 2.22
CA TYR D 13 8.08 25.69 1.29
C TYR D 13 9.20 24.71 0.99
N PHE D 14 9.68 24.68 -0.27
CA PHE D 14 10.93 24.01 -0.61
C PHE D 14 11.66 24.85 -1.64
N SER D 15 12.97 24.64 -1.76
CA SER D 15 13.75 25.27 -2.82
C SER D 15 14.75 24.25 -3.24
N LEU D 16 14.61 23.72 -4.45
CA LEU D 16 15.43 22.58 -4.81
C LEU D 16 16.04 22.79 -6.15
N PRO D 17 17.27 22.29 -6.31
CA PRO D 17 17.92 22.55 -7.56
C PRO D 17 17.49 21.62 -8.69
N ASN D 18 17.37 22.19 -9.89
CA ASN D 18 17.06 21.41 -11.06
C ASN D 18 18.33 20.83 -11.70
N GLU D 19 18.18 20.29 -12.90
CA GLU D 19 19.26 19.65 -13.63
C GLU D 19 20.45 20.57 -13.90
N LYS D 20 20.16 21.85 -14.10
CA LYS D 20 21.14 22.88 -14.37
C LYS D 20 21.59 23.56 -13.10
N GLY D 21 21.08 23.11 -11.96
CA GLY D 21 21.49 23.64 -10.66
C GLY D 21 20.75 24.86 -10.18
N GLU D 22 19.74 25.36 -10.92
CA GLU D 22 18.92 26.50 -10.43
C GLU D 22 17.85 26.05 -9.44
N LYS D 23 17.65 26.87 -8.42
CA LYS D 23 16.74 26.52 -7.33
C LYS D 23 15.33 26.83 -7.77
N LEU D 24 14.40 25.91 -7.49
CA LEU D 24 12.99 26.15 -7.87
C LEU D 24 12.13 25.93 -6.67
N SER D 25 11.03 26.64 -6.65
CA SER D 25 10.18 26.72 -5.49
C SER D 25 8.81 26.70 -6.06
N ARG D 26 7.78 26.43 -5.26
CA ARG D 26 6.42 26.70 -5.71
C ARG D 26 6.21 28.15 -6.16
N SER D 27 6.96 29.09 -5.60
CA SER D 27 6.81 30.50 -6.03
C SER D 27 7.48 30.84 -7.37
N ALA D 28 8.12 29.88 -8.04
CA ALA D 28 8.81 30.16 -9.28
C ALA D 28 7.81 30.61 -10.36
N GLU D 29 8.26 31.50 -11.24
CA GLU D 29 7.44 32.03 -12.31
C GLU D 29 6.68 30.92 -13.03
N ARG D 30 7.39 29.83 -13.35
CA ARG D 30 6.80 28.73 -14.12
C ARG D 30 5.72 27.90 -13.34
N PHE D 31 5.63 28.03 -12.01
CA PHE D 31 4.65 27.28 -11.22
C PHE D 31 3.56 28.13 -10.55
N ARG D 32 3.89 29.39 -10.27
CA ARG D 32 3.05 30.28 -9.49
C ARG D 32 1.66 30.43 -10.08
N ASN D 33 0.67 30.30 -9.22
CA ASN D 33 -0.75 30.49 -9.57
C ASN D 33 -1.31 29.42 -10.46
N ARG D 34 -0.68 28.24 -10.40
CA ARG D 34 -1.12 27.05 -11.17
C ARG D 34 -1.44 25.93 -10.18
N TYR D 35 -2.31 25.03 -10.60
CA TYR D 35 -2.42 23.67 -10.02
C TYR D 35 -1.05 23.03 -10.29
N LEU D 36 -0.48 22.44 -9.25
CA LEU D 36 0.83 21.86 -9.36
C LEU D 36 0.77 20.39 -8.92
N LEU D 37 1.05 19.49 -9.88
CA LEU D 37 1.23 18.07 -9.55
C LEU D 37 2.71 17.77 -9.17
N LEU D 38 2.96 17.44 -7.90
CA LEU D 38 4.30 16.97 -7.54
C LEU D 38 4.42 15.44 -7.61
N ASN D 39 5.42 14.96 -8.33
CA ASN D 39 5.70 13.52 -8.23
C ASN D 39 7.03 13.23 -7.57
N PHE D 40 6.94 12.51 -6.44
CA PHE D 40 8.14 12.10 -5.71
C PHE D 40 8.55 10.72 -6.19
N TRP D 41 9.83 10.53 -6.44
CA TRP D 41 10.31 9.34 -7.04
C TRP D 41 11.80 9.24 -6.74
N ALA D 42 12.42 8.13 -7.13
CA ALA D 42 13.92 8.07 -7.14
C ALA D 42 14.30 7.04 -8.12
N SER D 43 15.50 7.17 -8.71
CA SER D 43 15.91 6.15 -9.74
C SER D 43 16.21 4.83 -9.05
N TRP D 44 16.52 4.87 -7.74
CA TRP D 44 16.80 3.62 -7.03
C TRP D 44 15.53 2.92 -6.55
N CYS D 45 14.37 3.51 -6.75
CA CYS D 45 13.13 2.84 -6.32
C CYS D 45 12.04 3.17 -7.32
N ASP D 46 12.15 2.70 -8.53
CA ASP D 46 11.12 3.05 -9.49
C ASP D 46 10.72 1.74 -10.19
N PRO D 47 10.11 0.79 -9.41
CA PRO D 47 10.00 -0.58 -9.98
C PRO D 47 8.83 -0.74 -10.96
N GLN D 48 7.91 0.23 -11.06
CA GLN D 48 6.72 0.10 -11.95
C GLN D 48 6.75 1.12 -13.11
N PRO D 49 7.02 0.65 -14.35
CA PRO D 49 7.07 1.55 -15.55
C PRO D 49 5.81 2.39 -15.77
N GLU D 50 4.64 1.83 -15.50
CA GLU D 50 3.41 2.57 -15.65
C GLU D 50 3.28 3.80 -14.72
N ALA D 51 4.06 3.92 -13.65
CA ALA D 51 3.99 5.20 -12.90
C ALA D 51 4.40 6.42 -13.78
N ASN D 52 5.55 6.31 -14.42
CA ASN D 52 6.05 7.36 -15.30
C ASN D 52 5.29 7.45 -16.60
N ALA D 53 4.88 6.32 -17.16
CA ALA D 53 4.13 6.33 -18.42
C ALA D 53 2.85 7.14 -18.24
N GLU D 54 2.19 7.00 -17.08
CA GLU D 54 0.96 7.80 -16.90
C GLU D 54 1.24 9.28 -16.70
N LEU D 55 2.30 9.63 -15.98
CA LEU D 55 2.67 11.03 -15.84
C LEU D 55 3.05 11.65 -17.22
N LYS D 56 3.79 10.91 -18.05
CA LYS D 56 4.13 11.37 -19.40
C LYS D 56 2.87 11.67 -20.25
N ARG D 57 1.86 10.81 -20.13
CA ARG D 57 0.61 11.05 -20.80
C ARG D 57 -0.06 12.30 -20.30
N LEU D 58 -0.04 12.55 -18.99
CA LEU D 58 -0.63 13.76 -18.48
C LEU D 58 0.16 14.97 -18.92
N ASN D 59 1.48 14.90 -18.88
CA ASN D 59 2.35 16.01 -19.34
C ASN D 59 1.96 16.46 -20.77
N LYS D 60 1.89 15.48 -21.67
CA LYS D 60 1.39 15.63 -23.04
C LYS D 60 -0.05 16.15 -23.13
N GLU D 61 -0.99 15.54 -22.39
CA GLU D 61 -2.38 15.96 -22.49
C GLU D 61 -2.65 17.40 -22.07
N TYR D 62 -1.98 17.88 -21.04
CA TYR D 62 -2.28 19.19 -20.47
C TYR D 62 -1.19 20.21 -20.78
N LYS D 63 -0.38 19.91 -21.78
CA LYS D 63 0.75 20.76 -22.19
C LYS D 63 0.43 22.24 -22.37
N LYS D 64 -0.74 22.54 -22.93
CA LYS D 64 -1.12 23.92 -23.28
C LYS D 64 -1.92 24.59 -22.17
N ASN D 65 -2.25 23.83 -21.14
CA ASN D 65 -3.14 24.35 -20.17
C ASN D 65 -2.31 25.05 -19.13
N LYS D 66 -2.53 26.36 -19.02
CA LYS D 66 -1.56 27.21 -18.37
C LYS D 66 -1.97 27.32 -16.92
N ASN D 67 -3.09 26.71 -16.57
CA ASN D 67 -3.40 26.56 -15.18
C ASN D 67 -2.68 25.36 -14.50
N PHE D 68 -1.80 24.66 -15.22
CA PHE D 68 -1.24 23.37 -14.76
C PHE D 68 0.24 23.23 -15.02
N ALA D 69 0.94 22.71 -13.99
CA ALA D 69 2.35 22.35 -14.13
C ALA D 69 2.67 21.08 -13.32
N MSE D 70 3.75 20.45 -13.72
CA MSE D 70 4.27 19.28 -13.05
C MSE D 70 5.69 19.51 -12.58
O MSE D 70 6.50 20.10 -13.29
CB MSE D 70 4.22 18.09 -14.03
CG MSE D 70 2.80 17.70 -14.22
SE MSE D 70 2.57 16.39 -15.63
CE MSE D 70 3.83 15.03 -14.99
N LEU D 71 6.00 18.95 -11.40
CA LEU D 71 7.37 18.93 -10.93
C LEU D 71 7.75 17.53 -10.37
N GLY D 72 8.84 16.98 -10.87
CA GLY D 72 9.39 15.74 -10.31
C GLY D 72 10.41 16.11 -9.24
N ILE D 73 10.29 15.45 -8.08
CA ILE D 73 11.22 15.63 -6.98
C ILE D 73 11.78 14.23 -6.69
N SER D 74 13.09 14.08 -6.92
CA SER D 74 13.73 12.81 -6.80
C SER D 74 14.44 12.74 -5.45
N LEU D 75 14.38 11.57 -4.82
CA LEU D 75 15.19 11.25 -3.66
C LEU D 75 16.51 10.57 -4.04
N ASP D 76 16.98 10.78 -5.28
CA ASP D 76 18.32 10.27 -5.65
C ASP D 76 19.40 10.92 -4.82
N ILE D 77 20.54 10.25 -4.69
CA ILE D 77 21.69 10.84 -3.99
C ILE D 77 22.93 10.96 -4.94
N ASP D 78 22.75 10.50 -6.19
CA ASP D 78 23.79 10.49 -7.20
C ASP D 78 23.30 11.19 -8.45
N ARG D 79 23.94 12.31 -8.79
CA ARG D 79 23.49 13.10 -9.89
C ARG D 79 23.52 12.33 -11.24
N GLU D 80 24.49 11.44 -11.40
CA GLU D 80 24.56 10.69 -12.65
C GLU D 80 23.37 9.64 -12.81
N ALA D 81 23.03 8.88 -11.75
CA ALA D 81 21.88 7.96 -11.80
C ALA D 81 20.59 8.79 -12.03
N TRP D 82 20.53 9.96 -11.39
CA TRP D 82 19.36 10.77 -11.50
C TRP D 82 19.12 11.17 -12.98
N GLU D 83 20.14 11.75 -13.62
CA GLU D 83 20.01 12.23 -15.02
C GLU D 83 19.86 11.07 -15.99
N THR D 84 20.56 9.98 -15.76
CA THR D 84 20.40 8.84 -16.61
C THR D 84 18.93 8.40 -16.64
N ALA D 85 18.26 8.45 -15.47
CA ALA D 85 16.87 7.96 -15.35
C ALA D 85 15.97 8.94 -16.07
N ILE D 86 16.24 10.22 -15.88
CA ILE D 86 15.48 11.28 -16.54
C ILE D 86 15.55 11.05 -18.06
N LYS D 87 16.75 10.84 -18.59
CA LYS D 87 16.89 10.62 -20.03
C LYS D 87 16.20 9.30 -20.49
N LYS D 88 16.43 8.21 -19.77
CA LYS D 88 15.89 6.91 -20.13
C LYS D 88 14.35 6.81 -20.21
N ASP D 89 13.67 7.42 -19.24
CA ASP D 89 12.22 7.35 -19.11
C ASP D 89 11.62 8.58 -19.73
N THR D 90 12.47 9.41 -20.35
CA THR D 90 12.07 10.71 -20.93
C THR D 90 11.12 11.57 -20.01
N LEU D 91 11.64 11.89 -18.82
CA LEU D 91 10.99 12.70 -17.79
C LEU D 91 11.16 14.19 -18.15
N SER D 92 10.37 14.63 -19.13
CA SER D 92 10.64 15.90 -19.78
C SER D 92 10.12 17.13 -19.03
N TRP D 93 9.23 16.97 -18.05
CA TRP D 93 8.76 18.14 -17.31
C TRP D 93 9.86 18.51 -16.32
N ASP D 94 9.67 19.58 -15.57
CA ASP D 94 10.66 20.05 -14.57
C ASP D 94 11.06 18.95 -13.53
N GLN D 95 12.38 18.85 -13.29
CA GLN D 95 12.98 17.88 -12.38
C GLN D 95 13.91 18.54 -11.35
N VAL D 96 13.63 18.28 -10.06
CA VAL D 96 14.54 18.67 -9.02
C VAL D 96 14.96 17.47 -8.16
N CYS D 97 16.12 17.66 -7.54
CA CYS D 97 16.69 16.72 -6.61
C CYS D 97 17.65 17.55 -5.75
N ASP D 98 17.68 17.38 -4.44
CA ASP D 98 18.84 17.92 -3.64
C ASP D 98 19.73 16.90 -2.97
N PHE D 99 19.60 15.63 -3.34
CA PHE D 99 20.60 14.61 -3.05
C PHE D 99 20.72 14.23 -1.59
N THR D 100 19.66 14.46 -0.81
CA THR D 100 19.67 13.95 0.53
C THR D 100 19.09 12.54 0.68
N GLY D 101 18.39 11.98 -0.29
CA GLY D 101 17.92 10.63 -0.12
C GLY D 101 16.70 10.52 0.77
N LEU D 102 16.62 9.38 1.45
CA LEU D 102 15.56 9.03 2.41
C LEU D 102 15.52 10.02 3.54
N SER D 103 16.60 10.73 3.81
CA SER D 103 16.54 11.75 4.87
C SER D 103 15.97 13.04 4.35
N SER D 104 15.46 13.07 3.12
CA SER D 104 14.94 14.32 2.56
C SER D 104 13.98 15.01 3.53
N GLU D 105 14.27 16.28 3.79
CA GLU D 105 13.35 17.10 4.56
C GLU D 105 12.07 17.46 3.80
N THR D 106 12.17 17.66 2.50
CA THR D 106 10.98 17.91 1.69
C THR D 106 10.03 16.72 1.76
N ALA D 107 10.57 15.47 1.66
CA ALA D 107 9.74 14.27 1.72
C ALA D 107 9.06 14.17 3.09
N LYS D 108 9.85 14.35 4.16
CA LYS D 108 9.29 14.44 5.52
C LYS D 108 8.16 15.49 5.68
N GLN D 109 8.39 16.71 5.25
CA GLN D 109 7.36 17.73 5.38
C GLN D 109 6.07 17.52 4.55
N TYR D 110 6.18 16.94 3.36
CA TYR D 110 5.06 16.57 2.60
C TYR D 110 4.54 15.20 3.05
N ALA D 111 5.08 14.64 4.15
CA ALA D 111 4.64 13.31 4.67
C ALA D 111 4.64 12.28 3.54
N ILE D 112 5.76 12.19 2.83
CA ILE D 112 5.91 11.22 1.77
C ILE D 112 6.49 10.01 2.47
N LEU D 113 5.75 8.90 2.47
CA LEU D 113 6.13 7.73 3.28
C LEU D 113 6.67 6.64 2.43
N THR D 114 6.26 6.62 1.16
CA THR D 114 6.68 5.62 0.17
C THR D 114 6.90 6.27 -1.20
N LEU D 115 7.60 5.59 -2.10
CA LEU D 115 7.86 6.09 -3.45
C LEU D 115 7.35 5.07 -4.49
N PRO D 116 6.87 5.57 -5.65
CA PRO D 116 6.60 6.97 -5.98
C PRO D 116 5.33 7.46 -5.26
N THR D 117 5.21 8.75 -5.11
CA THR D 117 3.95 9.33 -4.59
C THR D 117 3.61 10.66 -5.34
N ASN D 118 2.37 10.80 -5.78
CA ASN D 118 1.87 12.02 -6.43
C ASN D 118 1.14 12.86 -5.40
N ILE D 119 1.35 14.17 -5.46
CA ILE D 119 0.67 15.14 -4.52
C ILE D 119 0.11 16.25 -5.43
N LEU D 120 -1.16 16.57 -5.29
CA LEU D 120 -1.73 17.56 -6.15
C LEU D 120 -2.01 18.81 -5.32
N LEU D 121 -1.49 19.95 -5.78
CA LEU D 121 -1.64 21.23 -5.06
C LEU D 121 -2.50 22.18 -5.85
N SER D 122 -3.31 22.95 -5.12
CA SER D 122 -4.08 24.03 -5.76
C SER D 122 -3.14 25.24 -6.00
N PRO D 123 -3.55 26.17 -6.89
CA PRO D 123 -2.85 27.47 -7.10
C PRO D 123 -2.44 28.10 -5.80
N THR D 124 -3.30 28.01 -4.80
CA THR D 124 -2.96 28.62 -3.54
C THR D 124 -2.16 27.77 -2.58
N GLY D 125 -1.65 26.62 -3.01
CA GLY D 125 -0.80 25.78 -2.14
C GLY D 125 -1.48 24.73 -1.27
N LYS D 126 -2.78 24.51 -1.42
CA LYS D 126 -3.34 23.47 -0.54
C LYS D 126 -3.37 22.08 -1.17
N ILE D 127 -3.10 21.11 -0.32
CA ILE D 127 -2.96 19.73 -0.78
C ILE D 127 -4.37 19.30 -1.15
N LEU D 128 -4.59 19.03 -2.43
CA LEU D 128 -5.93 18.65 -2.87
C LEU D 128 -6.13 17.15 -2.86
N ALA D 129 -5.07 16.38 -3.10
CA ALA D 129 -5.16 14.93 -3.18
C ALA D 129 -3.72 14.42 -3.06
N ARG D 130 -3.55 13.23 -2.52
CA ARG D 130 -2.23 12.62 -2.51
C ARG D 130 -2.33 11.11 -2.71
N ASP D 131 -1.23 10.48 -3.10
CA ASP D 131 -1.20 9.05 -3.22
C ASP D 131 -2.19 8.52 -4.31
N ILE D 132 -2.42 9.28 -5.36
CA ILE D 132 -3.37 8.90 -6.37
C ILE D 132 -2.62 8.36 -7.61
N GLN D 133 -3.17 7.30 -8.19
CA GLN D 133 -2.66 6.68 -9.41
C GLN D 133 -3.86 6.41 -10.32
N GLY D 134 -3.59 6.06 -11.58
CA GLY D 134 -4.67 5.57 -12.46
C GLY D 134 -5.82 6.58 -12.55
N GLU D 135 -7.05 6.06 -12.41
CA GLU D 135 -8.27 6.92 -12.55
C GLU D 135 -8.41 7.90 -11.36
N ALA D 136 -7.91 7.49 -10.18
CA ALA D 136 -7.87 8.44 -9.05
C ALA D 136 -7.12 9.69 -9.44
N LEU D 137 -6.07 9.54 -10.25
CA LEU D 137 -5.33 10.74 -10.71
C LEU D 137 -5.97 11.42 -11.91
N THR D 138 -6.13 10.67 -12.99
CA THR D 138 -6.61 11.30 -14.22
C THR D 138 -8.04 11.86 -14.03
N GLY D 139 -8.88 11.19 -13.24
CA GLY D 139 -10.21 11.69 -12.94
C GLY D 139 -10.25 12.98 -12.14
N LYS D 140 -9.43 13.08 -11.10
CA LYS D 140 -9.36 14.32 -10.36
C LYS D 140 -8.85 15.51 -11.23
N LEU D 141 -7.87 15.27 -12.10
CA LEU D 141 -7.36 16.35 -12.98
C LEU D 141 -8.40 16.81 -14.01
N LYS D 142 -9.03 15.86 -14.71
CA LYS D 142 -10.18 16.14 -15.58
C LYS D 142 -11.19 17.05 -14.91
N GLU D 143 -11.48 16.78 -13.65
CA GLU D 143 -12.46 17.55 -12.90
C GLU D 143 -11.92 18.91 -12.42
N LEU D 144 -10.60 19.10 -12.35
CA LEU D 144 -10.07 20.44 -12.00
C LEU D 144 -9.76 21.34 -13.19
N LEU D 145 -9.35 20.78 -14.34
CA LEU D 145 -8.77 21.53 -15.46
C LEU D 145 -9.67 21.70 -16.69
C ACT E . -7.70 -5.99 -28.09
O ACT E . -7.76 -7.20 -27.84
OXT ACT E . -6.78 -5.46 -27.49
CH3 ACT E . -8.63 -5.16 -28.93
C ACT F . 15.16 -13.25 22.35
O ACT F . 15.89 -13.79 21.51
OXT ACT F . 13.99 -13.18 22.03
CH3 ACT F . 15.62 -12.63 23.58
C ACT G . -25.14 6.88 24.27
O ACT G . -24.39 6.66 25.18
OXT ACT G . -25.48 5.83 23.75
CH3 ACT G . -25.60 8.23 23.87
C ACT H . 11.37 31.09 -12.74
O ACT H . 10.38 30.47 -13.18
OXT ACT H . 12.38 30.76 -13.35
CH3 ACT H . 11.37 32.06 -11.59
#